data_9QT0
#
_entry.id   9QT0
#
_cell.length_a   55.700
_cell.length_b   55.700
_cell.length_c   58.463
_cell.angle_alpha   90.00
_cell.angle_beta   90.00
_cell.angle_gamma   120.00
#
_symmetry.space_group_name_H-M   'P 31 2 1'
#
loop_
_entity.id
_entity.type
_entity.pdbx_description
1 polymer 'DUF1931 domain-containing protein'
2 non-polymer 'SULFATE ION'
3 water water
#
_entity_poly.entity_id   1
_entity_poly.type   'polypeptide(L)'
_entity_poly.pdbx_seq_one_letter_code
;GSMAQNAEKDTLIVASKVKAYIKSKGFMTSGDAVDGLNEKLYALIDDALKRTESNKRTTVRPTDF
;
_entity_poly.pdbx_strand_id   A,B
#
# COMPACT_ATOMS: atom_id res chain seq x y z
N ASP A 10 9.88 9.53 -1.43
CA ASP A 10 9.98 8.66 -2.64
C ASP A 10 8.65 7.92 -2.85
N THR A 11 8.22 7.75 -4.10
CA THR A 11 7.01 6.98 -4.46
CA THR A 11 7.00 6.99 -4.46
C THR A 11 7.33 5.49 -4.37
N LEU A 12 6.54 4.74 -3.60
CA LEU A 12 6.70 3.27 -3.42
C LEU A 12 5.68 2.54 -4.29
N ILE A 13 4.73 3.29 -4.86
CA ILE A 13 3.55 2.78 -5.60
C ILE A 13 3.85 2.82 -7.09
N VAL A 14 3.37 1.83 -7.83
CA VAL A 14 3.35 1.82 -9.32
C VAL A 14 2.01 2.43 -9.73
N ALA A 15 2.00 3.72 -10.06
CA ALA A 15 0.77 4.50 -10.34
C ALA A 15 -0.06 3.81 -11.42
N SER A 16 0.57 3.37 -12.52
CA SER A 16 -0.15 2.76 -13.66
C SER A 16 -0.93 1.52 -13.20
N LYS A 17 -0.37 0.71 -12.32
CA LYS A 17 -1.00 -0.56 -11.85
C LYS A 17 -2.15 -0.26 -10.88
N VAL A 18 -2.00 0.77 -10.04
CA VAL A 18 -3.10 1.21 -9.12
C VAL A 18 -4.25 1.76 -9.98
N LYS A 19 -3.93 2.62 -10.95
CA LYS A 19 -4.96 3.21 -11.85
C LYS A 19 -5.64 2.10 -12.65
N ALA A 20 -4.88 1.10 -13.11
CA ALA A 20 -5.41 -0.04 -13.90
C ALA A 20 -6.43 -0.80 -13.04
N TYR A 21 -6.08 -1.13 -11.80
CA TYR A 21 -6.99 -1.89 -10.91
C TYR A 21 -8.29 -1.11 -10.71
N ILE A 22 -8.17 0.18 -10.41
CA ILE A 22 -9.32 1.10 -10.22
C ILE A 22 -10.18 1.13 -11.49
N LYS A 23 -9.55 1.22 -12.66
CA LYS A 23 -10.27 1.21 -13.96
C LYS A 23 -11.01 -0.12 -14.15
N SER A 24 -10.40 -1.23 -13.75
CA SER A 24 -10.98 -2.60 -13.90
C SER A 24 -12.30 -2.69 -13.13
N LYS A 25 -12.46 -1.88 -12.09
CA LYS A 25 -13.68 -1.89 -11.23
C LYS A 25 -14.70 -0.86 -11.71
N GLY A 26 -14.39 -0.10 -12.76
CA GLY A 26 -15.31 0.87 -13.39
C GLY A 26 -15.20 2.26 -12.78
N PHE A 27 -14.04 2.58 -12.19
CA PHE A 27 -13.77 3.87 -11.51
C PHE A 27 -12.60 4.59 -12.20
N MET A 28 -12.56 5.91 -11.98
CA MET A 28 -11.44 6.78 -12.42
C MET A 28 -10.63 7.18 -11.20
N THR A 29 -9.43 7.71 -11.42
CA THR A 29 -8.45 8.10 -10.38
C THR A 29 -8.17 9.60 -10.54
N SER A 30 -8.36 10.39 -9.48
CA SER A 30 -8.04 11.85 -9.50
C SER A 30 -6.53 12.01 -9.70
N GLY A 31 -6.12 13.20 -10.14
CA GLY A 31 -4.71 13.50 -10.40
C GLY A 31 -3.81 13.29 -9.18
N ASP A 32 -4.33 13.48 -7.96
CA ASP A 32 -3.53 13.43 -6.72
C ASP A 32 -3.91 12.21 -5.86
N ALA A 33 -4.72 11.29 -6.38
CA ALA A 33 -5.19 10.11 -5.63
C ALA A 33 -3.99 9.22 -5.23
N VAL A 34 -3.08 8.94 -6.15
CA VAL A 34 -1.98 7.96 -5.87
C VAL A 34 -1.06 8.51 -4.77
N ASP A 35 -0.88 9.83 -4.69
CA ASP A 35 -0.13 10.51 -3.60
C ASP A 35 -0.72 10.15 -2.23
N GLY A 36 -2.06 10.20 -2.11
CA GLY A 36 -2.79 9.82 -0.89
C GLY A 36 -2.51 8.38 -0.51
N LEU A 37 -2.54 7.48 -1.50
CA LEU A 37 -2.31 6.04 -1.25
C LEU A 37 -0.85 5.81 -0.84
N ASN A 38 0.09 6.53 -1.45
CA ASN A 38 1.53 6.48 -1.10
C ASN A 38 1.70 6.80 0.40
N GLU A 39 1.02 7.84 0.88
CA GLU A 39 1.06 8.27 2.31
C GLU A 39 0.55 7.13 3.20
N LYS A 40 -0.57 6.50 2.82
CA LYS A 40 -1.15 5.34 3.57
C LYS A 40 -0.15 4.19 3.58
N LEU A 41 0.57 3.95 2.48
CA LEU A 41 1.53 2.84 2.38
C LEU A 41 2.68 3.03 3.39
N TYR A 42 3.21 4.25 3.49
CA TYR A 42 4.27 4.58 4.46
C TYR A 42 3.76 4.29 5.88
N ALA A 43 2.51 4.66 6.16
CA ALA A 43 1.87 4.40 7.48
C ALA A 43 1.78 2.89 7.72
N LEU A 44 1.33 2.11 6.74
CA LEU A 44 1.23 0.63 6.84
C LEU A 44 2.61 0.05 7.17
N ILE A 45 3.65 0.54 6.50
CA ILE A 45 5.02 -0.02 6.73
C ILE A 45 5.47 0.34 8.14
N ASP A 46 5.31 1.61 8.54
CA ASP A 46 5.75 2.07 9.88
C ASP A 46 5.04 1.25 10.96
N ASP A 47 3.73 0.98 10.80
CA ASP A 47 2.96 0.12 11.73
C ASP A 47 3.57 -1.28 11.75
N ALA A 48 3.89 -1.84 10.58
CA ALA A 48 4.45 -3.21 10.47
C ALA A 48 5.79 -3.31 11.21
N LEU A 49 6.64 -2.28 11.09
CA LEU A 49 7.96 -2.27 11.75
C LEU A 49 7.78 -2.33 13.27
N LYS A 50 6.77 -1.61 13.78
CA LYS A 50 6.44 -1.64 15.22
C LYS A 50 6.07 -3.07 15.62
N ARG A 51 5.25 -3.76 14.80
CA ARG A 51 4.84 -5.17 15.08
C ARG A 51 6.05 -6.10 15.00
N THR A 52 6.93 -5.93 14.02
CA THR A 52 8.14 -6.77 13.88
C THR A 52 8.96 -6.68 15.17
N GLU A 53 9.25 -5.45 15.61
CA GLU A 53 10.06 -5.18 16.82
C GLU A 53 9.36 -5.76 18.06
N SER A 54 8.02 -5.67 18.11
CA SER A 54 7.22 -6.14 19.27
CA SER A 54 7.22 -6.14 19.27
C SER A 54 7.33 -7.67 19.41
N ASN A 55 7.67 -8.37 18.33
CA ASN A 55 7.83 -9.85 18.32
C ASN A 55 9.32 -10.23 18.36
N LYS A 56 10.20 -9.30 18.73
CA LYS A 56 11.66 -9.53 18.91
C LYS A 56 12.26 -10.07 17.61
N ARG A 57 11.82 -9.52 16.48
CA ARG A 57 12.35 -9.87 15.15
C ARG A 57 12.97 -8.64 14.50
N THR A 58 13.90 -8.89 13.59
CA THR A 58 14.54 -7.85 12.75
C THR A 58 14.09 -8.02 11.31
N THR A 59 13.36 -9.10 10.98
CA THR A 59 12.86 -9.40 9.62
C THR A 59 11.34 -9.22 9.59
N VAL A 60 10.86 -8.28 8.79
CA VAL A 60 9.42 -8.00 8.56
C VAL A 60 8.82 -9.15 7.76
N ARG A 61 7.68 -9.69 8.22
CA ARG A 61 6.94 -10.79 7.57
C ARG A 61 5.62 -10.25 7.03
N PRO A 62 4.98 -10.93 6.04
CA PRO A 62 3.74 -10.42 5.45
C PRO A 62 2.64 -10.22 6.50
N THR A 63 2.65 -11.04 7.54
CA THR A 63 1.64 -11.05 8.63
C THR A 63 1.83 -9.84 9.54
N ASP A 64 2.96 -9.12 9.48
CA ASP A 64 3.22 -7.90 10.27
C ASP A 64 2.46 -6.69 9.71
N PHE A 65 2.01 -6.72 8.46
CA PHE A 65 1.31 -5.59 7.80
C PHE A 65 -0.18 -5.57 8.19
N ASP B 10 -1.25 -8.81 -9.58
CA ASP B 10 -0.15 -7.90 -10.06
C ASP B 10 0.37 -7.05 -8.88
N THR B 11 1.68 -6.79 -8.86
CA THR B 11 2.35 -5.97 -7.81
CA THR B 11 2.32 -5.97 -7.80
C THR B 11 2.03 -4.48 -8.06
N LEU B 12 1.60 -3.78 -7.00
CA LEU B 12 1.23 -2.34 -7.04
C LEU B 12 2.38 -1.49 -6.50
N ILE B 13 3.45 -2.13 -6.02
CA ILE B 13 4.56 -1.43 -5.33
C ILE B 13 5.87 -1.72 -6.06
N VAL B 14 6.83 -0.85 -5.84
CA VAL B 14 8.25 -1.03 -6.26
C VAL B 14 8.97 -1.77 -5.13
N ALA B 15 9.13 -3.09 -5.26
CA ALA B 15 9.68 -3.96 -4.19
C ALA B 15 11.04 -3.43 -3.70
N SER B 16 11.94 -3.05 -4.61
CA SER B 16 13.30 -2.59 -4.25
C SER B 16 13.22 -1.36 -3.32
N LYS B 17 12.30 -0.43 -3.60
CA LYS B 17 12.16 0.84 -2.84
C LYS B 17 11.51 0.55 -1.47
N VAL B 18 10.55 -0.37 -1.41
CA VAL B 18 9.92 -0.79 -0.12
C VAL B 18 11.00 -1.46 0.74
N LYS B 19 11.76 -2.40 0.17
CA LYS B 19 12.84 -3.11 0.91
C LYS B 19 13.88 -2.10 1.38
N ALA B 20 14.24 -1.13 0.52
CA ALA B 20 15.22 -0.07 0.87
C ALA B 20 14.71 0.74 2.08
N TYR B 21 13.46 1.18 2.04
CA TYR B 21 12.89 2.00 3.15
C TYR B 21 12.95 1.19 4.45
N ILE B 22 12.53 -0.08 4.40
CA ILE B 22 12.53 -0.99 5.59
C ILE B 22 13.98 -1.14 6.08
N LYS B 23 14.94 -1.30 5.17
CA LYS B 23 16.37 -1.41 5.54
C LYS B 23 16.86 -0.13 6.22
N SER B 24 16.41 1.04 5.74
CA SER B 24 16.82 2.37 6.26
C SER B 24 16.39 2.50 7.72
N LYS B 25 15.36 1.76 8.13
CA LYS B 25 14.82 1.80 9.52
C LYS B 25 15.46 0.69 10.37
N GLY B 26 16.37 -0.09 9.81
CA GLY B 26 17.18 -1.08 10.56
C GLY B 26 16.62 -2.48 10.45
N PHE B 27 15.75 -2.76 9.47
CA PHE B 27 15.03 -4.05 9.36
C PHE B 27 15.32 -4.73 8.02
N MET B 28 15.20 -6.06 8.03
CA MET B 28 15.22 -6.91 6.82
C MET B 28 13.78 -7.24 6.41
N THR B 29 13.57 -7.71 5.20
CA THR B 29 12.24 -8.03 4.61
CA THR B 29 12.23 -8.05 4.66
C THR B 29 12.26 -9.53 4.23
N SER B 30 11.28 -10.31 4.70
CA SER B 30 11.15 -11.73 4.30
C SER B 30 10.85 -11.80 2.80
N GLY B 31 11.06 -12.98 2.21
CA GLY B 31 10.85 -13.20 0.76
C GLY B 31 9.45 -12.87 0.30
N ASP B 32 8.43 -13.06 1.16
CA ASP B 32 7.00 -12.88 0.79
C ASP B 32 6.40 -11.66 1.49
N ALA B 33 7.21 -10.84 2.18
CA ALA B 33 6.70 -9.68 2.96
C ALA B 33 6.04 -8.67 2.01
N VAL B 34 6.67 -8.36 0.88
CA VAL B 34 6.12 -7.39 -0.12
C VAL B 34 4.77 -7.90 -0.64
N ASP B 35 4.61 -9.22 -0.82
CA ASP B 35 3.33 -9.85 -1.26
C ASP B 35 2.24 -9.55 -0.23
N GLY B 36 2.55 -9.66 1.07
CA GLY B 36 1.63 -9.34 2.17
C GLY B 36 1.18 -7.88 2.09
N LEU B 37 2.12 -6.96 1.85
CA LEU B 37 1.84 -5.51 1.76
C LEU B 37 0.95 -5.26 0.54
N ASN B 38 1.25 -5.93 -0.58
CA ASN B 38 0.45 -5.83 -1.83
CA ASN B 38 0.47 -5.84 -1.84
C ASN B 38 -1.01 -6.18 -1.53
N GLU B 39 -1.24 -7.27 -0.79
CA GLU B 39 -2.60 -7.75 -0.42
C GLU B 39 -3.31 -6.66 0.39
N LYS B 40 -2.63 -6.07 1.38
CA LYS B 40 -3.20 -4.97 2.20
C LYS B 40 -3.56 -3.78 1.32
N LEU B 41 -2.72 -3.47 0.33
CA LEU B 41 -2.96 -2.30 -0.55
CA LEU B 41 -2.97 -2.30 -0.55
C LEU B 41 -4.22 -2.53 -1.40
N TYR B 42 -4.41 -3.74 -1.94
CA TYR B 42 -5.64 -4.08 -2.70
C TYR B 42 -6.87 -3.88 -1.80
N ALA B 43 -6.77 -4.28 -0.54
CA ALA B 43 -7.86 -4.11 0.45
C ALA B 43 -8.14 -2.62 0.67
N LEU B 44 -7.10 -1.80 0.82
CA LEU B 44 -7.23 -0.33 0.99
C LEU B 44 -7.92 0.26 -0.23
N ILE B 45 -7.57 -0.19 -1.43
CA ILE B 45 -8.20 0.36 -2.67
C ILE B 45 -9.67 -0.07 -2.70
N ASP B 46 -9.98 -1.34 -2.43
CA ASP B 46 -11.37 -1.85 -2.41
C ASP B 46 -12.21 -1.01 -1.44
N ASP B 47 -11.68 -0.73 -0.26
CA ASP B 47 -12.35 0.13 0.76
C ASP B 47 -12.58 1.52 0.17
N ALA B 48 -11.57 2.08 -0.49
CA ALA B 48 -11.64 3.44 -1.08
C ALA B 48 -12.74 3.51 -2.15
N LEU B 49 -12.86 2.48 -2.99
CA LEU B 49 -13.89 2.43 -4.07
C LEU B 49 -15.28 2.47 -3.42
N LYS B 50 -15.45 1.75 -2.32
CA LYS B 50 -16.73 1.78 -1.57
C LYS B 50 -17.01 3.21 -1.09
N ARG B 51 -16.00 3.91 -0.56
CA ARG B 51 -16.17 5.31 -0.07
C ARG B 51 -16.48 6.24 -1.24
N THR B 52 -15.79 6.08 -2.37
CA THR B 52 -16.04 6.89 -3.59
C THR B 52 -17.52 6.78 -3.96
N GLU B 53 -18.01 5.54 -4.11
CA GLU B 53 -19.40 5.24 -4.52
C GLU B 53 -20.38 5.80 -3.49
N SER B 54 -20.03 5.74 -2.20
CA SER B 54 -20.91 6.19 -1.08
CA SER B 54 -20.88 6.20 -1.07
C SER B 54 -21.11 7.72 -1.16
N ASN B 55 -20.21 8.43 -1.81
CA ASN B 55 -20.29 9.91 -1.97
C ASN B 55 -20.74 10.27 -3.41
N LYS B 56 -21.37 9.33 -4.10
CA LYS B 56 -22.01 9.54 -5.44
C LYS B 56 -20.94 10.01 -6.44
N ARG B 57 -19.74 9.44 -6.35
CA ARG B 57 -18.62 9.76 -7.28
C ARG B 57 -18.15 8.46 -7.96
N THR B 58 -17.48 8.57 -9.11
CA THR B 58 -16.72 7.44 -9.70
C THR B 58 -15.24 7.80 -9.78
N THR B 59 -14.85 9.04 -9.44
CA THR B 59 -13.43 9.46 -9.37
C THR B 59 -12.94 9.31 -7.92
N VAL B 60 -11.98 8.40 -7.72
CA VAL B 60 -11.35 8.15 -6.41
C VAL B 60 -10.43 9.33 -6.09
N ARG B 61 -10.55 9.87 -4.88
CA ARG B 61 -9.74 11.01 -4.38
C ARG B 61 -8.79 10.46 -3.31
N PRO B 62 -7.68 11.18 -3.02
CA PRO B 62 -6.73 10.73 -2.00
C PRO B 62 -7.40 10.52 -0.63
N THR B 63 -8.41 11.33 -0.34
CA THR B 63 -9.13 11.33 0.96
C THR B 63 -10.04 10.10 1.06
N ASP B 64 -10.31 9.38 -0.03
CA ASP B 64 -11.15 8.16 -0.02
C ASP B 64 -10.35 6.96 0.53
N PHE B 65 -9.02 7.01 0.56
CA PHE B 65 -8.16 5.89 1.05
C PHE B 65 -8.06 5.90 2.57
#